data_2E2D
#
_entry.id   2E2D
#
_cell.length_a   72.526
_cell.length_b   72.526
_cell.length_c   181.375
_cell.angle_alpha   90.00
_cell.angle_beta   90.00
_cell.angle_gamma   120.00
#
_symmetry.space_group_name_H-M   'P 65'
#
loop_
_entity.id
_entity.type
_entity.pdbx_description
1 polymer 'Matrix metallopeptidase 13'
2 polymer 'Metalloproteinase inhibitor 2'
3 non-polymer 'ZINC ION'
4 non-polymer 'CALCIUM ION'
5 water water
#
loop_
_entity_poly.entity_id
_entity_poly.type
_entity_poly.pdbx_seq_one_letter_code
_entity_poly.pdbx_strand_id
1 'polypeptide(L)'
;YNVFPRTLKWSKMNLTYRIVNYTPDMTHSEVEKAFKKAFKVWSDVTPLNFTRLHDGIADIMISFGIKEHGDFYPFDGPSG
LLAHAFPPGPNYGGDAHFDDDETWTSSSKGYNLFLVAAHEFGHSLGLDHSKDPGALMFPIYTYTGKSHFMLPDDDVQGIQ
SLYGP
;
A
2 'polypeptide(L)'
;CSCSPVHPQQAFCNADIVIRAKAVNKKEVDSGNDIYGNPIKRIQYEIKQIKMFKGPDQDIEFIYTAPAAAVCGVSLDIGG
KKEYLIAGKAEGNGNMHITLCDFIVPWDTLSATQKKSLNHRYQMGCECKITRCPMIPCYISSPDECLWMDWVTEKNINGH
QAKFFACIKRSDGSCAWYRG
;
C
#
# COMPACT_ATOMS: atom_id res chain seq x y z
N TYR A 1 -7.43 -9.00 -13.89
CA TYR A 1 -7.28 -9.40 -12.49
C TYR A 1 -6.04 -10.27 -12.25
N ASN A 2 -5.80 -10.61 -10.99
CA ASN A 2 -4.68 -11.46 -10.62
C ASN A 2 -5.05 -12.24 -9.35
N VAL A 3 -4.84 -13.55 -9.38
CA VAL A 3 -5.16 -14.41 -8.24
C VAL A 3 -3.94 -15.14 -7.69
N PHE A 4 -3.99 -15.46 -6.39
CA PHE A 4 -2.91 -16.22 -5.76
C PHE A 4 -3.15 -17.68 -6.22
N PRO A 5 -2.14 -18.56 -6.13
CA PRO A 5 -2.32 -19.96 -6.56
C PRO A 5 -3.74 -20.50 -6.30
N ARG A 6 -4.50 -20.61 -7.39
CA ARG A 6 -5.90 -21.04 -7.38
C ARG A 6 -6.23 -22.27 -6.53
N THR A 7 -5.29 -23.21 -6.47
CA THR A 7 -5.48 -24.44 -5.72
C THR A 7 -5.83 -24.22 -4.24
N LEU A 8 -5.27 -23.18 -3.63
CA LEU A 8 -5.51 -22.90 -2.23
C LEU A 8 -6.54 -21.79 -1.94
N LYS A 9 -7.79 -22.04 -2.31
CA LYS A 9 -8.87 -21.09 -2.06
C LYS A 9 -9.76 -21.69 -0.97
N TRP A 10 -10.69 -20.90 -0.42
CA TRP A 10 -11.58 -21.39 0.63
C TRP A 10 -12.45 -22.54 0.12
N SER A 11 -12.26 -23.71 0.72
CA SER A 11 -13.02 -24.91 0.34
C SER A 11 -14.49 -24.90 0.76
N LYS A 12 -14.84 -24.02 1.70
CA LYS A 12 -16.22 -23.90 2.16
C LYS A 12 -16.76 -22.52 1.81
N MET A 13 -18.06 -22.45 1.55
CA MET A 13 -18.69 -21.18 1.19
C MET A 13 -19.13 -20.33 2.37
N ASN A 14 -19.33 -20.92 3.54
CA ASN A 14 -19.65 -20.12 4.69
C ASN A 14 -18.38 -19.79 5.38
N LEU A 15 -18.05 -18.51 5.48
CA LEU A 15 -16.85 -18.09 6.18
C LEU A 15 -17.31 -17.26 7.36
N THR A 16 -16.47 -17.23 8.38
CA THR A 16 -16.72 -16.41 9.54
C THR A 16 -15.62 -15.39 9.71
N TYR A 17 -15.98 -14.30 10.37
CA TYR A 17 -15.05 -13.27 10.77
C TYR A 17 -15.36 -12.80 12.17
N ARG A 18 -14.35 -12.19 12.78
CA ARG A 18 -14.46 -11.60 14.10
C ARG A 18 -13.65 -10.33 14.17
N ILE A 19 -14.24 -9.29 14.70
CA ILE A 19 -13.54 -8.05 14.91
C ILE A 19 -12.90 -8.17 16.28
N VAL A 20 -11.60 -8.37 16.33
CA VAL A 20 -10.87 -8.57 17.57
C VAL A 20 -10.80 -7.34 18.46
N ASN A 21 -10.55 -6.19 17.85
CA ASN A 21 -10.51 -4.92 18.55
C ASN A 21 -11.01 -3.84 17.60
N TYR A 22 -11.19 -2.63 18.11
CA TYR A 22 -11.80 -1.53 17.37
C TYR A 22 -10.96 -0.30 17.41
N THR A 23 -10.90 0.41 16.31
CA THR A 23 -10.22 1.67 16.31
C THR A 23 -11.09 2.64 17.11
N PRO A 24 -10.49 3.52 17.89
CA PRO A 24 -11.23 4.58 18.59
C PRO A 24 -11.65 5.73 17.63
N ASP A 25 -11.27 5.63 16.37
CA ASP A 25 -11.60 6.66 15.39
C ASP A 25 -13.09 6.68 15.04
N MET A 26 -13.76 5.54 15.16
CA MET A 26 -15.17 5.44 14.81
C MET A 26 -15.86 4.65 15.90
N THR A 27 -17.18 4.66 15.93
CA THR A 27 -17.91 3.88 16.94
C THR A 27 -17.95 2.40 16.55
N HIS A 28 -18.31 1.54 17.48
CA HIS A 28 -18.32 0.13 17.17
C HIS A 28 -19.29 -0.15 16.04
N SER A 29 -20.45 0.47 16.12
CA SER A 29 -21.48 0.34 15.11
C SER A 29 -20.94 0.74 13.75
N GLU A 30 -20.19 1.84 13.69
CA GLU A 30 -19.66 2.32 12.42
C GLU A 30 -18.64 1.35 11.86
N VAL A 31 -17.81 0.79 12.74
CA VAL A 31 -16.77 -0.16 12.29
C VAL A 31 -17.45 -1.38 11.75
N GLU A 32 -18.40 -1.89 12.52
CA GLU A 32 -19.18 -3.04 12.11
C GLU A 32 -19.85 -2.86 10.76
N LYS A 33 -20.41 -1.68 10.51
CA LYS A 33 -21.07 -1.38 9.25
C LYS A 33 -20.09 -1.36 8.10
N ALA A 34 -18.93 -0.78 8.34
CA ALA A 34 -17.90 -0.71 7.30
C ALA A 34 -17.49 -2.11 6.85
N PHE A 35 -17.22 -2.99 7.80
CA PHE A 35 -16.78 -4.34 7.48
C PHE A 35 -17.89 -5.15 6.86
N LYS A 36 -19.11 -5.00 7.38
CA LYS A 36 -20.27 -5.68 6.82
C LYS A 36 -20.44 -5.26 5.37
N LYS A 37 -20.33 -3.97 5.11
CA LYS A 37 -20.45 -3.50 3.75
C LYS A 37 -19.32 -4.08 2.90
N ALA A 38 -18.12 -4.12 3.46
CA ALA A 38 -16.95 -4.59 2.70
C ALA A 38 -17.09 -6.06 2.32
N PHE A 39 -17.57 -6.90 3.22
CA PHE A 39 -17.80 -8.30 2.89
C PHE A 39 -18.88 -8.49 1.82
N LYS A 40 -19.90 -7.64 1.86
CA LYS A 40 -21.07 -7.71 0.96
C LYS A 40 -20.69 -7.48 -0.51
N VAL A 41 -19.65 -6.68 -0.73
CA VAL A 41 -19.12 -6.42 -2.05
C VAL A 41 -18.79 -7.75 -2.72
N TRP A 42 -18.24 -8.66 -1.93
CA TRP A 42 -17.78 -9.93 -2.45
C TRP A 42 -18.88 -10.98 -2.43
N SER A 43 -19.64 -11.04 -1.34
CA SER A 43 -20.71 -12.05 -1.27
C SER A 43 -21.84 -11.78 -2.29
N ASP A 44 -22.03 -10.53 -2.69
CA ASP A 44 -23.04 -10.21 -3.68
C ASP A 44 -22.77 -10.81 -5.04
N VAL A 45 -21.52 -11.16 -5.33
CA VAL A 45 -21.18 -11.67 -6.64
C VAL A 45 -20.62 -13.07 -6.65
N THR A 46 -20.75 -13.79 -5.54
CA THR A 46 -20.28 -15.15 -5.47
C THR A 46 -21.19 -15.90 -4.52
N PRO A 47 -20.99 -17.20 -4.39
CA PRO A 47 -21.72 -18.00 -3.40
C PRO A 47 -21.19 -17.88 -1.96
N LEU A 48 -20.12 -17.10 -1.75
CA LEU A 48 -19.59 -16.95 -0.42
C LEU A 48 -20.60 -16.23 0.46
N ASN A 49 -20.60 -16.56 1.74
CA ASN A 49 -21.38 -15.80 2.70
C ASN A 49 -20.57 -15.65 3.96
N PHE A 50 -20.79 -14.54 4.66
CA PHE A 50 -20.00 -14.20 5.82
C PHE A 50 -20.84 -14.00 7.06
N THR A 51 -20.41 -14.60 8.16
CA THR A 51 -21.06 -14.39 9.43
C THR A 51 -20.07 -13.85 10.42
N ARG A 52 -20.51 -12.83 11.16
CA ARG A 52 -19.69 -12.27 12.19
C ARG A 52 -19.88 -13.03 13.52
N LEU A 53 -18.78 -13.32 14.18
CA LEU A 53 -18.79 -13.99 15.49
C LEU A 53 -18.38 -12.99 16.55
N HIS A 54 -19.09 -13.02 17.67
CA HIS A 54 -18.82 -12.11 18.76
C HIS A 54 -17.61 -12.58 19.54
N ASP A 55 -17.37 -13.87 19.56
CA ASP A 55 -16.24 -14.44 20.29
C ASP A 55 -15.79 -15.71 19.61
N GLY A 56 -14.71 -16.29 20.10
CA GLY A 56 -14.21 -17.57 19.60
C GLY A 56 -13.41 -17.50 18.30
N ILE A 57 -13.19 -18.66 17.69
CA ILE A 57 -12.42 -18.72 16.47
C ILE A 57 -13.27 -18.46 15.23
N ALA A 58 -12.70 -17.68 14.34
CA ALA A 58 -13.31 -17.28 13.09
C ALA A 58 -12.24 -17.45 12.01
N ASP A 59 -12.64 -17.60 10.76
CA ASP A 59 -11.69 -17.74 9.66
C ASP A 59 -10.95 -16.45 9.44
N ILE A 60 -11.70 -15.36 9.37
CA ILE A 60 -11.11 -14.04 9.10
C ILE A 60 -11.04 -13.20 10.38
N MET A 61 -9.84 -13.14 10.95
CA MET A 61 -9.63 -12.40 12.18
C MET A 61 -9.19 -11.00 11.81
N ILE A 62 -9.98 -10.02 12.22
CA ILE A 62 -9.71 -8.62 11.93
C ILE A 62 -9.25 -7.87 13.18
N SER A 63 -8.21 -7.05 13.03
CA SER A 63 -7.66 -6.30 14.15
C SER A 63 -6.94 -5.02 13.72
N PHE A 64 -6.84 -4.08 14.65
CA PHE A 64 -6.17 -2.80 14.39
C PHE A 64 -4.83 -2.78 15.14
N GLY A 65 -3.77 -2.46 14.40
CA GLY A 65 -2.45 -2.42 15.02
C GLY A 65 -1.67 -1.14 14.82
N ILE A 66 -0.72 -0.92 15.71
CA ILE A 66 0.14 0.25 15.65
C ILE A 66 1.58 -0.24 15.72
N LYS A 67 2.30 -0.08 14.61
CA LYS A 67 3.68 -0.55 14.49
C LYS A 67 3.76 -2.06 14.71
N GLU A 68 4.60 -2.51 15.64
CA GLU A 68 4.73 -3.93 15.94
C GLU A 68 3.43 -4.41 16.58
N HIS A 69 2.67 -5.22 15.85
CA HIS A 69 1.39 -5.72 16.34
C HIS A 69 1.29 -7.24 16.50
N GLY A 70 2.43 -7.93 16.55
CA GLY A 70 2.40 -9.37 16.72
C GLY A 70 2.95 -10.23 15.61
N ASP A 71 3.06 -9.68 14.41
CA ASP A 71 3.57 -10.43 13.27
C ASP A 71 4.87 -9.85 12.74
N PHE A 72 5.33 -10.37 11.64
CA PHE A 72 6.63 -9.99 11.12
C PHE A 72 6.58 -8.75 10.27
N TYR A 73 5.41 -8.11 10.20
CA TYR A 73 5.17 -7.02 9.25
C TYR A 73 4.65 -5.80 9.99
N PRO A 74 5.53 -5.13 10.70
CA PRO A 74 5.13 -3.96 11.50
C PRO A 74 4.58 -2.83 10.65
N PHE A 75 3.62 -2.10 11.19
CA PHE A 75 3.14 -0.90 10.53
C PHE A 75 4.18 0.22 10.73
N ASP A 76 3.96 1.35 10.05
CA ASP A 76 4.95 2.39 9.97
C ASP A 76 4.54 3.81 10.41
N GLY A 77 3.55 3.91 11.28
CA GLY A 77 3.04 5.21 11.70
C GLY A 77 2.08 5.77 10.69
N PRO A 78 1.74 7.07 10.79
CA PRO A 78 0.77 7.67 9.87
C PRO A 78 1.20 7.60 8.41
N SER A 79 0.22 7.39 7.55
CA SER A 79 0.45 7.29 6.12
C SER A 79 1.29 6.05 5.76
N GLY A 80 1.77 5.98 4.53
CA GLY A 80 2.49 4.80 4.07
C GLY A 80 1.59 3.56 4.06
N LEU A 81 2.02 2.49 4.73
CA LEU A 81 1.23 1.26 4.80
C LEU A 81 -0.07 1.55 5.55
N LEU A 82 -1.21 1.15 5.01
CA LEU A 82 -2.50 1.35 5.66
C LEU A 82 -3.09 0.09 6.26
N ALA A 83 -2.81 -1.03 5.61
CA ALA A 83 -3.37 -2.29 6.01
C ALA A 83 -2.70 -3.40 5.24
N HIS A 84 -2.90 -4.63 5.70
CA HIS A 84 -2.43 -5.81 4.97
C HIS A 84 -3.27 -6.99 5.38
N ALA A 85 -3.09 -8.12 4.70
CA ALA A 85 -3.93 -9.27 4.93
C ALA A 85 -3.24 -10.53 4.44
N PHE A 86 -3.85 -11.68 4.72
CA PHE A 86 -3.23 -12.95 4.37
C PHE A 86 -4.22 -13.77 3.53
N PRO A 87 -3.70 -14.48 2.55
CA PRO A 87 -4.53 -15.30 1.66
C PRO A 87 -5.15 -16.48 2.40
N PRO A 88 -6.11 -17.13 1.77
CA PRO A 88 -6.82 -18.25 2.43
C PRO A 88 -5.91 -19.31 3.04
N GLY A 89 -6.26 -19.77 4.22
CA GLY A 89 -5.48 -20.79 4.94
C GLY A 89 -5.77 -20.79 6.43
N PRO A 90 -5.05 -21.59 7.23
CA PRO A 90 -5.26 -21.65 8.68
C PRO A 90 -4.63 -20.42 9.37
N ASN A 91 -4.76 -20.36 10.70
CA ASN A 91 -4.23 -19.26 11.52
C ASN A 91 -4.31 -17.91 10.80
N TYR A 92 -3.18 -17.23 10.62
CA TYR A 92 -3.17 -15.97 9.86
C TYR A 92 -3.96 -15.93 8.56
N GLY A 93 -4.05 -17.07 7.90
CA GLY A 93 -4.70 -17.12 6.62
C GLY A 93 -6.02 -16.40 6.68
N GLY A 94 -6.30 -15.58 5.68
CA GLY A 94 -7.54 -14.81 5.64
C GLY A 94 -7.60 -13.58 6.55
N ASP A 95 -6.69 -13.44 7.49
CA ASP A 95 -6.79 -12.36 8.46
C ASP A 95 -6.48 -10.99 7.81
N ALA A 96 -6.96 -9.93 8.41
CA ALA A 96 -6.70 -8.56 7.94
C ALA A 96 -6.35 -7.69 9.12
N HIS A 97 -5.34 -6.83 8.92
CA HIS A 97 -4.80 -5.94 9.95
C HIS A 97 -4.81 -4.53 9.38
N PHE A 98 -5.27 -3.57 10.17
CA PHE A 98 -5.36 -2.17 9.74
C PHE A 98 -4.51 -1.32 10.67
N ASP A 99 -3.75 -0.40 10.11
CA ASP A 99 -2.83 0.42 10.86
C ASP A 99 -3.59 1.55 11.56
N ASP A 100 -3.72 1.46 12.87
CA ASP A 100 -4.46 2.48 13.62
C ASP A 100 -3.73 3.80 13.82
N ASP A 101 -2.54 3.93 13.25
CA ASP A 101 -1.92 5.24 13.24
C ASP A 101 -2.50 6.01 12.06
N GLU A 102 -3.41 5.39 11.29
CA GLU A 102 -4.18 6.13 10.32
C GLU A 102 -5.43 6.66 11.01
N THR A 103 -6.04 7.69 10.42
CA THR A 103 -7.37 8.13 10.88
C THR A 103 -8.39 7.43 10.00
N TRP A 104 -9.17 6.51 10.57
CA TRP A 104 -10.14 5.76 9.82
C TRP A 104 -11.48 6.44 9.88
N THR A 105 -12.16 6.54 8.75
CA THR A 105 -13.42 7.22 8.66
C THR A 105 -14.42 6.47 7.81
N SER A 106 -15.62 7.03 7.85
CA SER A 106 -16.73 6.62 7.03
C SER A 106 -16.96 7.69 5.97
N SER A 107 -15.91 8.45 5.64
CA SER A 107 -16.03 9.57 4.71
C SER A 107 -14.88 9.65 3.72
N SER A 108 -14.68 10.83 3.14
CA SER A 108 -13.55 11.09 2.25
C SER A 108 -12.31 11.49 3.04
N LYS A 109 -12.47 11.88 4.31
CA LYS A 109 -11.33 12.27 5.14
C LYS A 109 -10.49 11.08 5.63
N GLY A 110 -9.24 11.34 5.98
CA GLY A 110 -8.35 10.29 6.47
C GLY A 110 -8.36 9.12 5.48
N TYR A 111 -8.58 7.90 5.97
CA TYR A 111 -8.70 6.75 5.09
C TYR A 111 -10.01 6.09 5.38
N ASN A 112 -10.76 5.84 4.31
CA ASN A 112 -12.08 5.22 4.42
C ASN A 112 -11.91 3.73 4.71
N LEU A 113 -12.35 3.33 5.89
CA LEU A 113 -12.18 1.98 6.36
C LEU A 113 -12.85 0.97 5.43
N PHE A 114 -14.08 1.27 4.99
CA PHE A 114 -14.78 0.37 4.11
C PHE A 114 -13.98 0.07 2.83
N LEU A 115 -13.48 1.10 2.16
CA LEU A 115 -12.74 0.86 0.92
C LEU A 115 -11.47 0.05 1.13
N VAL A 116 -10.71 0.35 2.17
CA VAL A 116 -9.47 -0.37 2.41
C VAL A 116 -9.82 -1.83 2.79
N ALA A 117 -10.83 -1.99 3.65
CA ALA A 117 -11.27 -3.34 4.02
C ALA A 117 -11.76 -4.16 2.82
N ALA A 118 -12.49 -3.54 1.89
CA ALA A 118 -12.97 -4.26 0.73
C ALA A 118 -11.77 -4.80 -0.08
N HIS A 119 -10.72 -4.00 -0.18
CA HIS A 119 -9.50 -4.47 -0.85
C HIS A 119 -8.82 -5.63 -0.11
N GLU A 120 -8.58 -5.44 1.18
CA GLU A 120 -7.92 -6.45 1.97
C GLU A 120 -8.68 -7.78 1.99
N PHE A 121 -10.03 -7.70 2.09
CA PHE A 121 -10.86 -8.91 2.09
C PHE A 121 -10.70 -9.65 0.75
N GLY A 122 -10.43 -8.90 -0.31
CA GLY A 122 -10.09 -9.49 -1.59
C GLY A 122 -8.92 -10.46 -1.39
N HIS A 123 -7.86 -10.01 -0.71
CA HIS A 123 -6.80 -10.93 -0.41
C HIS A 123 -7.24 -12.10 0.49
N SER A 124 -7.99 -11.83 1.53
CA SER A 124 -8.48 -12.88 2.39
C SER A 124 -9.17 -13.99 1.60
N LEU A 125 -9.71 -13.65 0.44
CA LEU A 125 -10.44 -14.59 -0.39
C LEU A 125 -9.63 -15.19 -1.54
N GLY A 126 -8.40 -14.73 -1.73
CA GLY A 126 -7.56 -15.32 -2.74
C GLY A 126 -7.15 -14.44 -3.88
N LEU A 127 -7.57 -13.18 -3.90
CA LEU A 127 -7.15 -12.32 -4.99
C LEU A 127 -5.84 -11.64 -4.67
N ASP A 128 -5.04 -11.45 -5.72
CA ASP A 128 -3.82 -10.70 -5.69
C ASP A 128 -4.10 -9.28 -6.20
N HIS A 129 -3.06 -8.46 -6.26
CA HIS A 129 -3.15 -7.11 -6.75
C HIS A 129 -3.34 -7.04 -8.27
N SER A 130 -4.18 -6.10 -8.68
CA SER A 130 -4.40 -5.80 -10.07
C SER A 130 -3.42 -4.71 -10.50
N LYS A 131 -3.08 -4.72 -11.79
CA LYS A 131 -2.24 -3.68 -12.37
C LYS A 131 -3.06 -2.46 -12.80
N ASP A 132 -4.38 -2.55 -12.73
CA ASP A 132 -5.28 -1.46 -13.15
C ASP A 132 -5.62 -0.54 -11.98
N PRO A 133 -5.20 0.73 -12.04
CA PRO A 133 -5.50 1.69 -10.96
C PRO A 133 -6.99 1.84 -10.67
N GLY A 134 -7.83 1.52 -11.64
CA GLY A 134 -9.26 1.55 -11.47
C GLY A 134 -9.84 0.35 -10.72
N ALA A 135 -9.10 -0.72 -10.58
CA ALA A 135 -9.64 -1.88 -9.86
C ALA A 135 -9.54 -1.71 -8.35
N LEU A 136 -10.46 -2.32 -7.63
CA LEU A 136 -10.41 -2.32 -6.17
C LEU A 136 -9.11 -2.98 -5.68
N MET A 137 -8.65 -4.03 -6.36
CA MET A 137 -7.45 -4.74 -5.95
C MET A 137 -6.14 -4.01 -6.28
N PHE A 138 -6.21 -2.79 -6.81
CA PHE A 138 -5.00 -1.98 -6.98
C PHE A 138 -4.51 -1.61 -5.57
N PRO A 139 -3.22 -1.72 -5.31
CA PRO A 139 -2.71 -1.50 -3.96
C PRO A 139 -2.65 -0.07 -3.43
N ILE A 140 -2.61 0.94 -4.29
CA ILE A 140 -2.52 2.31 -3.82
C ILE A 140 -3.95 2.80 -3.67
N TYR A 141 -4.25 3.30 -2.48
CA TYR A 141 -5.54 3.85 -2.15
C TYR A 141 -5.80 5.17 -2.88
N THR A 142 -6.99 5.25 -3.43
CA THR A 142 -7.47 6.47 -4.03
C THR A 142 -8.91 6.58 -3.57
N TYR A 143 -9.30 7.70 -2.97
CA TYR A 143 -10.69 7.83 -2.54
C TYR A 143 -11.64 7.75 -3.73
N THR A 144 -12.51 6.76 -3.69
CA THR A 144 -13.42 6.54 -4.80
C THR A 144 -14.56 7.56 -4.72
N GLY A 145 -14.92 7.88 -6.08
CA GLY A 145 -15.97 8.79 -6.50
C GLY A 145 -16.59 9.74 -5.48
N LYS A 146 -17.91 9.81 -5.48
CA LYS A 146 -18.65 10.69 -4.59
C LYS A 146 -19.52 9.95 -3.58
N SER A 147 -20.28 8.95 -4.02
CA SER A 147 -21.15 8.21 -3.11
C SER A 147 -21.48 6.76 -3.47
N HIS A 148 -21.45 6.22 -4.24
CA HIS A 148 -22.11 4.95 -4.53
C HIS A 148 -21.06 3.97 -5.07
N PHE A 149 -20.60 3.05 -4.23
CA PHE A 149 -19.51 2.16 -4.62
C PHE A 149 -19.96 1.03 -5.51
N MET A 150 -19.26 0.82 -6.61
CA MET A 150 -19.60 -0.25 -7.53
C MET A 150 -18.34 -1.09 -7.76
N LEU A 151 -18.36 -2.35 -7.35
CA LEU A 151 -17.21 -3.21 -7.53
C LEU A 151 -16.85 -3.26 -9.01
N PRO A 152 -15.65 -2.81 -9.38
CA PRO A 152 -15.29 -2.82 -10.80
C PRO A 152 -15.36 -4.22 -11.40
N ASP A 153 -15.67 -4.27 -12.70
CA ASP A 153 -15.81 -5.52 -13.44
C ASP A 153 -14.64 -6.50 -13.27
N ASP A 154 -13.43 -5.97 -13.33
CA ASP A 154 -12.22 -6.78 -13.22
C ASP A 154 -12.16 -7.56 -11.91
N ASP A 155 -12.54 -6.90 -10.82
CA ASP A 155 -12.58 -7.51 -9.51
C ASP A 155 -13.71 -8.54 -9.44
N VAL A 156 -14.84 -8.25 -10.08
CA VAL A 156 -15.95 -9.20 -10.14
C VAL A 156 -15.47 -10.45 -10.87
N GLN A 157 -14.83 -10.22 -12.00
CA GLN A 157 -14.35 -11.28 -12.84
C GLN A 157 -13.28 -12.13 -12.13
N GLY A 158 -12.37 -11.47 -11.42
CA GLY A 158 -11.38 -12.17 -10.63
C GLY A 158 -11.97 -13.09 -9.58
N ILE A 159 -12.82 -12.57 -8.71
CA ILE A 159 -13.37 -13.36 -7.64
C ILE A 159 -14.25 -14.51 -8.15
N GLN A 160 -14.94 -14.27 -9.26
CA GLN A 160 -15.79 -15.30 -9.86
C GLN A 160 -14.91 -16.38 -10.51
N SER A 161 -13.73 -16.01 -10.98
CA SER A 161 -12.86 -17.03 -11.55
C SER A 161 -12.45 -18.03 -10.47
N LEU A 162 -12.59 -17.63 -9.20
CA LEU A 162 -12.24 -18.49 -8.10
C LEU A 162 -13.44 -19.22 -7.55
N TYR A 163 -14.53 -18.49 -7.32
CA TYR A 163 -15.63 -19.09 -6.62
C TYR A 163 -16.91 -19.25 -7.44
N GLY A 164 -16.93 -18.78 -8.68
CA GLY A 164 -18.15 -18.81 -9.49
C GLY A 164 -19.03 -17.62 -9.09
N PRO A 165 -19.92 -17.16 -9.97
CA PRO A 165 -20.83 -16.05 -9.64
C PRO A 165 -21.88 -16.35 -8.57
N CYS B 1 -2.62 -5.59 0.67
CA CYS B 1 -1.73 -4.43 1.05
C CYS B 1 -2.36 -3.16 0.48
N SER B 2 -2.49 -2.14 1.32
CA SER B 2 -3.08 -0.88 0.94
C SER B 2 -2.09 0.24 1.31
N CYS B 3 -1.82 1.14 0.38
CA CYS B 3 -0.77 2.13 0.53
C CYS B 3 -1.32 3.55 0.26
N SER B 4 -0.78 4.52 0.99
CA SER B 4 -1.18 5.88 0.76
C SER B 4 -0.61 6.32 -0.57
N PRO B 5 -1.35 7.12 -1.32
CA PRO B 5 -0.81 7.60 -2.57
C PRO B 5 0.28 8.61 -2.17
N VAL B 6 1.39 8.66 -2.88
CA VAL B 6 2.43 9.59 -2.52
C VAL B 6 3.04 10.26 -3.75
N HIS B 7 3.26 11.57 -3.65
CA HIS B 7 3.92 12.32 -4.72
C HIS B 7 5.41 12.02 -4.58
N PRO B 8 6.17 11.96 -5.67
CA PRO B 8 7.61 11.63 -5.61
C PRO B 8 8.46 12.41 -4.61
N GLN B 9 8.15 13.68 -4.42
CA GLN B 9 8.87 14.49 -3.46
C GLN B 9 8.66 13.95 -2.03
N GLN B 10 7.42 13.56 -1.69
CA GLN B 10 7.14 12.96 -0.39
C GLN B 10 7.93 11.70 -0.25
N ALA B 11 7.94 10.89 -1.29
CA ALA B 11 8.66 9.62 -1.26
C ALA B 11 10.14 9.84 -1.02
N PHE B 12 10.72 10.81 -1.72
CA PHE B 12 12.12 11.12 -1.57
C PHE B 12 12.42 11.56 -0.13
N CYS B 13 11.65 12.53 0.31
CA CYS B 13 11.81 13.12 1.62
C CYS B 13 11.61 12.13 2.77
N ASN B 14 10.66 11.20 2.62
CA ASN B 14 10.34 10.28 3.68
C ASN B 14 11.25 9.03 3.71
N ALA B 15 11.81 8.65 2.57
CA ALA B 15 12.61 7.41 2.52
C ALA B 15 13.99 7.61 3.14
N ASP B 16 14.55 6.55 3.74
CA ASP B 16 15.92 6.59 4.25
C ASP B 16 16.85 6.64 3.08
N ILE B 17 16.58 5.80 2.09
CA ILE B 17 17.45 5.63 0.94
C ILE B 17 16.70 5.82 -0.37
N VAL B 18 17.37 6.49 -1.33
CA VAL B 18 16.84 6.67 -2.66
C VAL B 18 18.00 6.36 -3.62
N ILE B 19 17.83 5.30 -4.41
CA ILE B 19 18.81 4.85 -5.42
C ILE B 19 18.23 4.51 -6.78
N ARG B 20 19.13 4.52 -7.75
CA ARG B 20 18.86 4.01 -9.07
C ARG B 20 19.64 2.71 -9.07
N ALA B 21 18.99 1.63 -9.42
CA ALA B 21 19.61 0.33 -9.32
C ALA B 21 18.95 -0.70 -10.21
N LYS B 22 19.65 -1.81 -10.35
CA LYS B 22 19.26 -2.89 -11.20
C LYS B 22 19.37 -4.13 -10.34
N ALA B 23 18.38 -5.00 -10.38
CA ALA B 23 18.40 -6.26 -9.63
C ALA B 23 18.90 -7.35 -10.54
N VAL B 24 19.78 -8.21 -10.03
CA VAL B 24 20.42 -9.20 -10.89
C VAL B 24 20.17 -10.62 -10.44
N ASN B 25 19.69 -10.79 -9.20
CA ASN B 25 19.36 -12.10 -8.71
C ASN B 25 18.35 -12.02 -7.58
N LYS B 26 17.60 -13.12 -7.42
CA LYS B 26 16.58 -13.30 -6.38
C LYS B 26 16.89 -14.57 -5.60
N LYS B 27 16.69 -14.57 -4.29
CA LYS B 27 16.94 -15.74 -3.49
C LYS B 27 16.03 -15.69 -2.27
N GLU B 28 15.52 -16.85 -1.85
CA GLU B 28 14.72 -16.93 -0.64
C GLU B 28 15.66 -17.13 0.55
N VAL B 29 15.43 -16.43 1.65
CA VAL B 29 16.27 -16.61 2.82
C VAL B 29 15.41 -16.93 4.05
N ASP B 30 15.89 -17.87 4.86
CA ASP B 30 15.18 -18.34 6.04
C ASP B 30 15.26 -17.28 7.11
N SER B 31 14.12 -16.94 7.72
CA SER B 31 14.11 -15.90 8.75
C SER B 31 13.27 -16.31 9.94
N GLY B 32 13.27 -17.58 10.26
CA GLY B 32 12.60 -18.06 11.45
C GLY B 32 11.20 -18.56 11.26
N ASN B 33 10.45 -18.54 12.37
CA ASN B 33 9.08 -19.02 12.36
C ASN B 33 8.21 -18.05 13.11
N ASP B 34 6.98 -17.95 12.65
CA ASP B 34 5.98 -17.11 13.30
C ASP B 34 5.38 -17.85 14.51
N ILE B 35 4.38 -17.24 15.12
CA ILE B 35 3.88 -17.70 16.40
C ILE B 35 3.15 -18.99 16.27
N TYR B 36 2.70 -19.29 15.06
CA TYR B 36 1.98 -20.51 14.78
C TYR B 36 2.89 -21.61 14.32
N GLY B 37 4.18 -21.31 14.17
CA GLY B 37 5.12 -22.28 13.63
C GLY B 37 5.40 -22.20 12.12
N ASN B 38 4.73 -21.30 11.39
CA ASN B 38 4.99 -21.13 9.95
C ASN B 38 6.37 -20.55 9.73
N PRO B 39 7.12 -21.13 8.83
CA PRO B 39 8.44 -20.59 8.51
C PRO B 39 8.26 -19.20 7.91
N ILE B 40 9.12 -18.27 8.29
CA ILE B 40 9.09 -16.93 7.74
C ILE B 40 10.29 -16.87 6.81
N LYS B 41 10.05 -16.39 5.60
CA LYS B 41 11.09 -16.22 4.64
C LYS B 41 11.10 -14.75 4.21
N ARG B 42 12.26 -14.30 3.77
CA ARG B 42 12.37 -13.00 3.11
C ARG B 42 12.94 -13.25 1.73
N ILE B 43 12.52 -12.46 0.76
CA ILE B 43 13.16 -12.49 -0.54
C ILE B 43 14.33 -11.52 -0.55
N GLN B 44 15.48 -12.01 -0.99
CA GLN B 44 16.72 -11.25 -1.08
C GLN B 44 17.11 -10.97 -2.49
N TYR B 45 17.10 -9.69 -2.86
CA TYR B 45 17.51 -9.27 -4.19
C TYR B 45 18.93 -8.78 -4.14
N GLU B 46 19.76 -9.35 -5.00
CA GLU B 46 21.13 -8.89 -5.16
C GLU B 46 21.02 -7.78 -6.17
N ILE B 47 21.53 -6.62 -5.83
CA ILE B 47 21.42 -5.52 -6.74
C ILE B 47 22.75 -4.87 -7.07
N LYS B 48 22.75 -4.10 -8.14
CA LYS B 48 23.87 -3.25 -8.49
C LYS B 48 23.42 -1.81 -8.38
N GLN B 49 24.01 -1.08 -7.46
CA GLN B 49 23.67 0.32 -7.30
C GLN B 49 24.36 1.15 -8.38
N ILE B 50 23.53 1.84 -9.16
CA ILE B 50 23.97 2.72 -10.21
C ILE B 50 24.28 4.12 -9.66
N LYS B 51 23.37 4.68 -8.88
CA LYS B 51 23.66 5.95 -8.20
C LYS B 51 22.77 6.07 -6.95
N MET B 52 23.30 6.68 -5.91
CA MET B 52 22.55 6.96 -4.68
C MET B 52 22.28 8.47 -4.60
N PHE B 53 21.02 8.83 -4.48
CA PHE B 53 20.59 10.23 -4.35
C PHE B 53 20.48 10.65 -2.92
N LYS B 54 20.31 9.67 -2.03
CA LYS B 54 20.19 9.92 -0.63
C LYS B 54 20.44 8.61 0.12
N GLY B 55 21.23 8.69 1.19
CA GLY B 55 21.45 7.55 2.04
C GLY B 55 22.87 7.42 2.56
N PRO B 56 23.08 6.34 3.30
CA PRO B 56 24.42 6.02 3.80
C PRO B 56 25.43 5.78 2.68
N ASP B 57 26.68 6.15 2.96
CA ASP B 57 27.74 6.03 1.99
C ASP B 57 27.97 4.61 1.53
N GLN B 58 27.74 3.63 2.40
CA GLN B 58 27.97 2.23 2.03
C GLN B 58 26.92 1.79 1.01
N ASP B 59 27.38 1.42 -0.19
CA ASP B 59 26.48 1.03 -1.26
C ASP B 59 25.54 -0.12 -0.88
N ILE B 60 24.34 -0.07 -1.44
CA ILE B 60 23.36 -1.10 -1.22
C ILE B 60 23.71 -2.21 -2.19
N GLU B 61 23.90 -3.42 -1.68
CA GLU B 61 24.12 -4.60 -2.49
C GLU B 61 22.94 -5.59 -2.37
N PHE B 62 22.14 -5.47 -1.31
CA PHE B 62 20.97 -6.34 -1.11
C PHE B 62 19.72 -5.61 -0.70
N ILE B 63 18.60 -6.05 -1.25
CA ILE B 63 17.28 -5.53 -0.90
C ILE B 63 16.40 -6.70 -0.47
N TYR B 64 15.80 -6.58 0.70
CA TYR B 64 14.88 -7.60 1.19
C TYR B 64 13.45 -7.10 1.09
N THR B 65 12.54 -8.03 0.84
CA THR B 65 11.11 -7.75 0.77
C THR B 65 10.37 -9.03 1.12
N ALA B 66 9.10 -8.89 1.49
CA ALA B 66 8.29 -10.03 1.84
C ALA B 66 7.94 -10.86 0.61
N PRO B 67 7.84 -12.16 0.76
CA PRO B 67 7.41 -13.05 -0.32
C PRO B 67 5.99 -12.73 -0.81
N ALA B 68 5.08 -12.32 0.09
CA ALA B 68 3.69 -12.09 -0.28
C ALA B 68 3.36 -10.63 -0.51
N ALA B 69 2.83 -10.40 -1.70
CA ALA B 69 2.19 -9.17 -2.15
C ALA B 69 1.20 -8.66 -1.11
N ALA B 70 0.51 -9.61 -0.50
CA ALA B 70 -0.61 -9.26 0.37
C ALA B 70 -0.11 -8.59 1.68
N VAL B 71 1.09 -8.90 2.13
CA VAL B 71 1.72 -8.11 3.23
C VAL B 71 2.74 -7.13 2.71
N CYS B 72 2.48 -6.63 1.49
CA CYS B 72 3.30 -5.63 0.84
C CYS B 72 4.66 -6.07 0.31
N GLY B 73 4.71 -7.27 -0.29
CA GLY B 73 5.95 -7.77 -0.86
C GLY B 73 6.11 -7.18 -2.25
N VAL B 74 7.36 -6.95 -2.67
CA VAL B 74 7.59 -6.38 -3.98
C VAL B 74 8.27 -7.37 -4.90
N SER B 75 7.91 -7.33 -6.17
CA SER B 75 8.58 -8.14 -7.15
C SER B 75 9.40 -7.23 -8.05
N LEU B 76 10.70 -7.52 -8.22
CA LEU B 76 11.52 -6.77 -9.15
C LEU B 76 11.98 -7.67 -10.30
N ASP B 77 12.23 -7.07 -11.45
CA ASP B 77 12.72 -7.79 -12.61
C ASP B 77 14.20 -8.09 -12.35
N ILE B 78 14.55 -9.38 -12.34
CA ILE B 78 15.93 -9.81 -12.09
C ILE B 78 16.69 -10.19 -13.36
N GLY B 79 16.27 -9.64 -14.49
CA GLY B 79 16.93 -9.92 -15.75
C GLY B 79 18.26 -9.22 -15.86
N GLY B 80 18.38 -8.04 -15.26
CA GLY B 80 19.64 -7.31 -15.29
C GLY B 80 19.76 -6.25 -16.36
N LYS B 81 18.63 -5.88 -16.96
CA LYS B 81 18.60 -4.85 -17.99
C LYS B 81 17.55 -3.82 -17.61
N LYS B 82 16.78 -4.14 -16.57
CA LYS B 82 15.72 -3.28 -16.06
C LYS B 82 16.14 -2.46 -14.85
N GLU B 83 16.26 -1.15 -15.04
CA GLU B 83 16.64 -0.23 -13.97
C GLU B 83 15.43 0.32 -13.22
N TYR B 84 15.59 0.53 -11.92
CA TYR B 84 14.50 1.05 -11.08
C TYR B 84 14.93 2.21 -10.18
N LEU B 85 13.97 3.08 -9.88
CA LEU B 85 14.20 4.19 -8.96
C LEU B 85 13.66 3.67 -7.63
N ILE B 86 14.56 3.22 -6.76
CA ILE B 86 14.13 2.63 -5.50
C ILE B 86 14.28 3.45 -4.24
N ALA B 87 13.15 3.76 -3.59
CA ALA B 87 13.22 4.49 -2.35
C ALA B 87 12.80 3.49 -1.30
N GLY B 88 13.40 3.53 -0.13
CA GLY B 88 13.11 2.53 0.89
C GLY B 88 13.90 2.73 2.19
N LYS B 89 13.86 1.69 3.02
CA LYS B 89 14.32 1.71 4.38
C LYS B 89 15.72 1.13 4.50
N ALA B 90 16.53 1.78 5.33
CA ALA B 90 17.89 1.33 5.54
C ALA B 90 17.99 0.35 6.71
N GLU B 91 18.67 -0.76 6.43
CA GLU B 91 18.92 -1.82 7.39
C GLU B 91 20.42 -1.77 7.67
N GLY B 92 21.01 -2.90 8.05
CA GLY B 92 22.44 -2.95 8.32
C GLY B 92 23.25 -2.55 7.10
N ASN B 93 24.37 -1.87 7.32
CA ASN B 93 25.25 -1.41 6.23
C ASN B 93 25.29 -2.30 4.99
N GLY B 94 24.74 -1.79 3.90
CA GLY B 94 24.71 -2.53 2.65
C GLY B 94 23.40 -3.24 2.38
N ASN B 95 22.47 -3.18 3.33
CA ASN B 95 21.17 -3.82 3.18
C ASN B 95 20.03 -2.80 3.13
N MET B 96 18.98 -3.13 2.38
CA MET B 96 17.83 -2.25 2.21
C MET B 96 16.54 -3.08 2.17
N HIS B 97 15.48 -2.54 2.75
CA HIS B 97 14.18 -3.23 2.78
C HIS B 97 13.10 -2.44 2.05
N ILE B 98 12.39 -3.10 1.16
CA ILE B 98 11.32 -2.43 0.42
C ILE B 98 9.96 -3.10 0.56
N THR B 99 8.93 -2.26 0.47
CA THR B 99 7.55 -2.67 0.51
C THR B 99 6.86 -2.02 -0.67
N LEU B 100 5.69 -2.52 -1.03
CA LEU B 100 4.90 -1.96 -2.13
C LEU B 100 4.50 -0.54 -1.88
N CYS B 101 4.51 -0.14 -0.64
CA CYS B 101 4.13 1.20 -0.32
C CYS B 101 5.28 2.20 -0.60
N ASP B 102 6.49 1.67 -0.77
CA ASP B 102 7.63 2.50 -1.16
C ASP B 102 7.50 2.96 -2.59
N PHE B 103 8.22 4.01 -2.91
CA PHE B 103 8.16 4.49 -4.25
C PHE B 103 9.16 3.73 -5.09
N ILE B 104 8.67 2.88 -5.98
CA ILE B 104 9.51 2.06 -6.81
C ILE B 104 8.93 2.00 -8.21
N VAL B 105 9.63 2.61 -9.14
CA VAL B 105 9.17 2.63 -10.53
C VAL B 105 10.36 2.39 -11.45
N PRO B 106 10.06 1.83 -12.62
CA PRO B 106 11.10 1.61 -13.62
C PRO B 106 11.72 2.95 -13.94
N TRP B 107 13.03 3.03 -13.91
CA TRP B 107 13.72 4.27 -14.16
C TRP B 107 13.21 4.98 -15.43
N ASP B 108 12.92 4.19 -16.45
CA ASP B 108 12.54 4.73 -17.75
C ASP B 108 11.16 5.35 -17.77
N THR B 109 10.35 5.11 -16.74
CA THR B 109 9.04 5.73 -16.72
C THR B 109 9.06 7.12 -16.13
N LEU B 110 10.22 7.56 -15.62
CA LEU B 110 10.32 8.86 -14.98
C LEU B 110 10.39 10.03 -15.97
N SER B 111 9.67 11.11 -15.67
CA SER B 111 9.77 12.31 -16.47
C SER B 111 11.18 12.85 -16.28
N ALA B 112 11.61 13.72 -17.18
CA ALA B 112 12.92 14.33 -17.06
C ALA B 112 12.99 15.20 -15.82
N THR B 113 11.88 15.82 -15.48
CA THR B 113 11.83 16.69 -14.31
C THR B 113 12.01 15.85 -13.03
N GLN B 114 11.39 14.67 -13.01
CA GLN B 114 11.46 13.78 -11.86
C GLN B 114 12.88 13.28 -11.66
N LYS B 115 13.52 12.83 -12.73
CA LYS B 115 14.91 12.36 -12.64
C LYS B 115 15.80 13.47 -12.08
N LYS B 116 15.67 14.67 -12.61
CA LYS B 116 16.53 15.76 -12.19
C LYS B 116 16.23 16.20 -10.79
N SER B 117 14.98 16.08 -10.39
CA SER B 117 14.59 16.54 -9.08
C SER B 117 15.22 15.71 -7.96
N LEU B 118 15.63 14.48 -8.28
CA LEU B 118 16.25 13.61 -7.29
C LEU B 118 17.60 14.17 -6.82
N ASN B 119 18.29 14.94 -7.64
CA ASN B 119 19.60 15.47 -7.25
C ASN B 119 19.56 16.55 -6.18
N HIS B 120 18.56 17.43 -6.25
CA HIS B 120 18.47 18.51 -5.27
C HIS B 120 17.10 19.19 -5.07
N ARG B 121 16.26 19.24 -6.10
CA ARG B 121 14.99 19.97 -5.98
C ARG B 121 14.07 19.37 -4.96
N TYR B 122 13.94 18.06 -4.93
CA TYR B 122 13.02 17.48 -3.93
C TYR B 122 13.51 17.76 -2.50
N GLN B 123 14.83 17.68 -2.28
CA GLN B 123 15.37 17.98 -0.96
C GLN B 123 15.04 19.41 -0.57
N MET B 124 15.09 20.33 -1.55
CA MET B 124 14.73 21.72 -1.31
C MET B 124 13.31 21.84 -0.77
N GLY B 125 12.44 20.91 -1.15
CA GLY B 125 11.04 20.97 -0.76
C GLY B 125 10.63 20.22 0.48
N CYS B 126 11.54 19.43 1.05
CA CYS B 126 11.22 18.58 2.19
C CYS B 126 10.58 19.31 3.34
N GLU B 127 10.93 20.58 3.54
CA GLU B 127 10.29 21.33 4.62
C GLU B 127 8.83 21.70 4.32
N CYS B 128 8.39 21.49 3.09
CA CYS B 128 6.99 21.72 2.75
C CYS B 128 6.20 20.43 2.89
N LYS B 129 4.94 20.54 3.24
CA LYS B 129 4.06 19.39 3.28
C LYS B 129 3.32 19.30 1.98
N ILE B 130 3.11 18.08 1.45
CA ILE B 130 2.28 17.88 0.27
C ILE B 130 1.04 17.16 0.81
N THR B 131 -0.09 17.82 0.65
CA THR B 131 -1.36 17.36 1.22
C THR B 131 -2.29 16.75 0.18
N ARG B 132 -2.99 15.69 0.60
CA ARG B 132 -3.92 14.99 -0.28
C ARG B 132 -5.22 15.78 -0.49
N CYS B 133 -5.85 15.54 -1.64
CA CYS B 133 -7.12 16.17 -1.98
C CYS B 133 -8.01 15.03 -2.46
N PRO B 134 -8.47 14.16 -1.52
CA PRO B 134 -9.33 13.02 -1.81
C PRO B 134 -10.64 13.36 -2.53
N MET B 135 -11.22 14.50 -2.18
CA MET B 135 -12.47 14.93 -2.80
C MET B 135 -12.66 16.43 -2.65
N ILE B 136 -13.04 17.08 -3.75
CA ILE B 136 -13.28 18.52 -3.74
C ILE B 136 -14.53 18.84 -2.91
N PRO B 137 -14.56 19.99 -2.24
CA PRO B 137 -13.45 20.96 -2.25
C PRO B 137 -12.43 20.73 -1.14
N CYS B 138 -11.16 20.75 -1.52
CA CYS B 138 -10.07 20.60 -0.56
C CYS B 138 -9.41 21.96 -0.48
N TYR B 139 -9.15 22.43 0.74
CA TYR B 139 -8.56 23.75 0.92
C TYR B 139 -7.10 23.81 1.37
N ILE B 140 -6.48 24.96 1.15
CA ILE B 140 -5.10 25.22 1.54
C ILE B 140 -5.09 25.70 2.99
N SER B 141 -5.24 24.76 3.91
CA SER B 141 -5.27 25.07 5.34
C SER B 141 -4.07 25.84 5.88
N SER B 142 -2.88 25.58 5.36
CA SER B 142 -1.69 26.25 5.88
C SER B 142 -0.61 26.62 4.86
N PRO B 143 0.15 27.66 5.17
CA PRO B 143 1.13 28.23 4.22
C PRO B 143 2.30 27.31 3.93
N ASP B 144 2.51 26.33 4.80
CA ASP B 144 3.59 25.38 4.67
C ASP B 144 3.15 24.14 3.87
N GLU B 145 2.03 24.24 3.13
CA GLU B 145 1.46 23.13 2.37
C GLU B 145 1.23 23.43 0.91
N CYS B 146 1.34 22.39 0.07
CA CYS B 146 0.85 22.45 -1.31
C CYS B 146 -0.24 21.38 -1.40
N LEU B 147 -1.25 21.65 -2.22
CA LEU B 147 -2.38 20.75 -2.39
C LEU B 147 -2.18 19.88 -3.61
N TRP B 148 -2.16 18.58 -3.42
CA TRP B 148 -1.86 17.66 -4.52
C TRP B 148 -3.19 17.35 -5.23
N MET B 149 -3.40 18.01 -6.37
CA MET B 149 -4.67 17.98 -7.08
C MET B 149 -4.76 16.97 -8.20
N ASP B 150 -3.69 16.20 -8.44
CA ASP B 150 -3.69 15.25 -9.56
C ASP B 150 -4.92 14.32 -9.57
N TRP B 151 -5.19 13.67 -8.45
CA TRP B 151 -6.30 12.73 -8.36
C TRP B 151 -7.69 13.26 -8.75
N VAL B 152 -8.04 14.45 -8.27
CA VAL B 152 -9.35 15.03 -8.55
C VAL B 152 -9.45 15.82 -9.86
N THR B 153 -8.30 16.21 -10.41
CA THR B 153 -8.24 16.97 -11.65
C THR B 153 -8.25 16.03 -12.86
N GLU B 154 -7.30 15.09 -12.80
CA GLU B 154 -7.13 14.03 -13.77
C GLU B 154 -7.21 12.79 -12.88
N LYS B 155 -7.24 11.60 -13.49
CA LYS B 155 -7.34 10.38 -12.70
C LYS B 155 -6.04 9.57 -12.72
N ASN B 156 -5.02 10.07 -12.01
CA ASN B 156 -3.73 9.39 -11.95
C ASN B 156 -2.84 9.96 -10.85
N ILE B 157 -2.27 9.08 -10.04
CA ILE B 157 -1.38 9.50 -8.94
C ILE B 157 -0.11 10.14 -9.49
N ASN B 158 0.26 9.72 -10.70
CA ASN B 158 1.43 10.20 -11.40
C ASN B 158 0.97 11.25 -12.41
N GLY B 159 0.10 12.14 -11.95
CA GLY B 159 -0.44 13.19 -12.81
C GLY B 159 0.51 14.33 -13.12
N HIS B 160 -0.07 15.47 -13.49
CA HIS B 160 0.66 16.67 -13.84
C HIS B 160 1.61 17.13 -12.73
N GLN B 161 1.12 17.24 -11.51
CA GLN B 161 1.97 17.68 -10.42
C GLN B 161 3.08 16.67 -10.08
N ALA B 162 2.73 15.39 -9.99
CA ALA B 162 3.75 14.38 -9.78
C ALA B 162 4.88 14.42 -10.79
N LYS B 163 4.55 14.65 -12.05
CA LYS B 163 5.54 14.55 -13.13
C LYS B 163 6.42 15.78 -13.30
N PHE B 164 5.86 16.94 -13.00
CA PHE B 164 6.53 18.19 -13.30
C PHE B 164 6.73 19.19 -12.15
N PHE B 165 6.07 19.01 -11.02
CA PHE B 165 6.19 20.00 -9.97
C PHE B 165 6.78 19.48 -8.69
N ALA B 166 7.33 20.43 -7.93
CA ALA B 166 7.84 20.20 -6.60
C ALA B 166 7.22 21.30 -5.74
N CYS B 167 7.05 21.00 -4.47
CA CYS B 167 6.45 21.92 -3.54
C CYS B 167 7.60 22.55 -2.75
N ILE B 168 7.87 23.83 -2.98
CA ILE B 168 9.04 24.45 -2.34
C ILE B 168 8.72 25.80 -1.70
N LYS B 169 9.42 26.14 -0.64
CA LYS B 169 9.13 27.37 0.11
C LYS B 169 9.48 28.58 -0.70
N ARG B 170 8.59 29.56 -0.72
CA ARG B 170 8.85 30.82 -1.44
C ARG B 170 9.29 31.87 -0.42
N SER B 171 9.68 33.05 -0.88
CA SER B 171 10.11 34.09 0.04
C SER B 171 8.94 34.63 0.86
N ASP B 172 8.09 35.41 0.19
CA ASP B 172 6.99 36.10 0.83
C ASP B 172 5.96 35.13 1.36
N GLY B 173 5.59 34.19 0.51
CA GLY B 173 4.65 33.16 0.90
C GLY B 173 5.51 32.06 1.45
N SER B 174 4.90 30.99 1.94
CA SER B 174 5.71 29.88 2.30
C SER B 174 5.68 28.89 1.14
N CYS B 175 4.88 27.83 1.15
CA CYS B 175 5.05 26.84 0.08
C CYS B 175 4.09 26.96 -1.11
N ALA B 176 4.59 26.56 -2.28
CA ALA B 176 3.82 26.63 -3.49
C ALA B 176 4.45 25.68 -4.52
N TRP B 177 3.61 25.19 -5.43
CA TRP B 177 4.03 24.31 -6.49
C TRP B 177 4.93 25.06 -7.45
N TYR B 178 5.99 24.41 -7.89
CA TYR B 178 6.95 25.02 -8.76
C TYR B 178 7.41 24.08 -9.85
N ARG B 179 7.42 24.58 -11.07
CA ARG B 179 7.77 23.75 -12.22
C ARG B 179 9.18 24.03 -12.65
N GLY B 180 9.68 25.19 -12.29
CA GLY B 180 11.05 25.55 -12.60
C GLY B 180 11.27 25.48 -14.08
#